data_1OXN
#
_entry.id   1OXN
#
_cell.length_a   82.770
_cell.length_b   82.770
_cell.length_c   93.170
_cell.angle_alpha   90.00
_cell.angle_beta   90.00
_cell.angle_gamma   120.00
#
_symmetry.space_group_name_H-M   'P 32'
#
loop_
_entity.id
_entity.type
_entity.pdbx_description
1 polymer 'Baculoviral IAP repeat-containing protein 7'
2 polymer 'AEAVPWKSE peptide'
3 non-polymer 'ZINC ION'
4 non-polymer 3,6,9,12,15,18-HEXAOXAICOSANE-1,20-DIOL
5 water water
#
loop_
_entity_poly.entity_id
_entity_poly.type
_entity_poly.pdbx_seq_one_letter_code
_entity_poly.pdbx_strand_id
1 'polypeptide(L)'
;MGSSHHHHHHSSGLVPRGSHMLETEEEEEEGAGATLSRGPAFPGMGSEELRLASFYDWPLTAEVPPELLAAAGFFHTGHQ
DKVRCFFCYGGLQSWKRGDDPWTEHAKWFPSCQFLLRSKGRDFVHSVQETHSQLLGSWDP
;
A,B,C,D,E
2 'polypeptide(L)' AEAVPWKSE F
#
loop_
_chem_comp.id
_chem_comp.type
_chem_comp.name
_chem_comp.formula
P33 non-polymer 3,6,9,12,15,18-HEXAOXAICOSANE-1,20-DIOL 'C14 H30 O8'
ZN non-polymer 'ZINC ION' 'Zn 2'
#
# COMPACT_ATOMS: atom_id res chain seq x y z
N ALA A 32 -6.85 -9.76 -25.25
CA ALA A 32 -7.65 -9.46 -24.03
C ALA A 32 -6.88 -9.79 -22.75
N GLY A 33 -6.98 -8.90 -21.75
CA GLY A 33 -6.48 -9.16 -20.41
C GLY A 33 -5.13 -8.61 -20.02
N ALA A 34 -5.14 -7.63 -19.11
CA ALA A 34 -3.94 -7.17 -18.43
C ALA A 34 -3.41 -8.30 -17.55
N THR A 35 -2.13 -8.24 -17.23
CA THR A 35 -1.51 -9.24 -16.37
C THR A 35 -1.17 -8.65 -14.99
N LEU A 36 -1.42 -9.44 -13.97
CA LEU A 36 -0.94 -9.17 -12.63
C LEU A 36 0.56 -9.00 -12.68
N SER A 37 1.05 -7.91 -12.10
CA SER A 37 2.48 -7.68 -12.03
C SER A 37 3.09 -8.67 -11.05
N ARG A 38 4.34 -9.04 -11.30
CA ARG A 38 4.99 -10.07 -10.51
C ARG A 38 5.78 -9.54 -9.32
N GLY A 39 6.02 -8.22 -9.29
CA GLY A 39 6.83 -7.63 -8.25
C GLY A 39 6.11 -7.56 -6.93
N PRO A 40 6.72 -8.06 -5.85
CA PRO A 40 6.15 -7.89 -4.51
C PRO A 40 5.96 -6.41 -4.17
N ALA A 41 4.89 -6.09 -3.46
CA ALA A 41 4.66 -4.72 -3.02
C ALA A 41 5.82 -4.22 -2.14
N PHE A 42 6.40 -5.13 -1.36
CA PHE A 42 7.49 -4.82 -0.46
C PHE A 42 8.45 -6.02 -0.42
N PRO A 43 9.36 -6.09 -1.40
CA PRO A 43 10.27 -7.24 -1.54
C PRO A 43 11.12 -7.55 -0.31
N GLY A 44 11.52 -6.52 0.45
CA GLY A 44 12.30 -6.71 1.66
C GLY A 44 11.57 -7.55 2.70
N MET A 45 10.26 -7.36 2.78
CA MET A 45 9.43 -8.14 3.67
C MET A 45 9.08 -9.50 3.06
N GLY A 46 9.80 -9.87 2.00
CA GLY A 46 9.68 -11.18 1.38
C GLY A 46 10.14 -12.32 2.25
N SER A 47 10.84 -12.00 3.34
CA SER A 47 11.36 -13.01 4.24
C SER A 47 10.43 -13.16 5.43
N GLU A 48 9.97 -14.39 5.65
CA GLU A 48 9.14 -14.71 6.81
C GLU A 48 9.82 -14.29 8.11
N GLU A 49 11.11 -14.57 8.20
CA GLU A 49 11.91 -14.21 9.37
C GLU A 49 11.85 -12.71 9.63
N LEU A 50 12.02 -11.92 8.57
CA LEU A 50 11.93 -10.47 8.68
C LEU A 50 10.50 -10.03 8.97
N ARG A 51 9.53 -10.70 8.38
CA ARG A 51 8.12 -10.39 8.67
C ARG A 51 7.82 -10.64 10.13
N LEU A 52 8.36 -11.74 10.67
CA LEU A 52 8.22 -12.08 12.08
C LEU A 52 8.79 -10.99 13.00
N ALA A 53 9.94 -10.42 12.62
CA ALA A 53 10.54 -9.34 13.41
C ALA A 53 9.62 -8.14 13.53
N SER A 54 8.84 -7.85 12.48
CA SER A 54 7.92 -6.70 12.51
C SER A 54 6.88 -6.80 13.62
N PHE A 55 6.63 -8.02 14.09
CA PHE A 55 5.63 -8.27 15.12
C PHE A 55 6.20 -8.19 16.53
N TYR A 56 7.37 -7.57 16.67
CA TYR A 56 8.02 -7.38 17.98
C TYR A 56 7.12 -6.62 18.96
N ASP A 57 6.23 -5.78 18.44
CA ASP A 57 5.33 -5.00 19.28
C ASP A 57 3.86 -5.32 18.95
N TRP A 58 3.63 -6.51 18.38
CA TRP A 58 2.29 -7.02 18.12
C TRP A 58 1.52 -7.11 19.44
N PRO A 59 0.44 -6.34 19.56
CA PRO A 59 -0.21 -6.04 20.84
C PRO A 59 -0.66 -7.25 21.68
N LEU A 60 -0.66 -7.06 22.99
CA LEU A 60 -1.13 -8.05 23.95
C LEU A 60 -2.61 -8.39 23.73
N THR A 61 -3.41 -7.35 23.46
CA THR A 61 -4.84 -7.49 23.19
C THR A 61 -5.14 -8.16 21.84
N ALA A 62 -4.17 -8.11 20.93
CA ALA A 62 -4.29 -8.81 19.64
C ALA A 62 -4.39 -10.31 19.87
N GLU A 63 -5.26 -10.97 19.10
CA GLU A 63 -5.69 -12.33 19.42
C GLU A 63 -5.17 -13.40 18.45
N VAL A 64 -4.27 -13.01 17.56
CA VAL A 64 -3.72 -13.92 16.55
C VAL A 64 -2.19 -14.01 16.68
N PRO A 65 -1.63 -15.22 16.57
CA PRO A 65 -0.18 -15.41 16.71
C PRO A 65 0.63 -14.87 15.52
N PRO A 66 1.60 -14.00 15.80
CA PRO A 66 2.46 -13.43 14.75
C PRO A 66 3.00 -14.47 13.78
N GLU A 67 3.39 -15.64 14.30
CA GLU A 67 3.94 -16.72 13.47
C GLU A 67 2.98 -17.11 12.35
N LEU A 68 1.69 -17.11 12.65
CA LEU A 68 0.68 -17.46 11.65
C LEU A 68 0.53 -16.33 10.64
N LEU A 69 0.57 -15.11 11.16
CA LEU A 69 0.49 -13.92 10.31
C LEU A 69 1.69 -13.83 9.38
N ALA A 70 2.90 -13.97 9.93
CA ALA A 70 4.13 -13.92 9.16
C ALA A 70 4.19 -15.02 8.13
N ALA A 71 3.71 -16.20 8.52
CA ALA A 71 3.67 -17.33 7.61
C ALA A 71 2.74 -17.03 6.44
N ALA A 72 1.61 -16.37 6.73
CA ALA A 72 0.64 -16.02 5.70
C ALA A 72 1.02 -14.77 4.87
N GLY A 73 2.26 -14.30 5.04
CA GLY A 73 2.81 -13.24 4.21
C GLY A 73 2.64 -11.86 4.79
N PHE A 74 2.00 -11.77 5.95
CA PHE A 74 1.72 -10.50 6.55
C PHE A 74 2.87 -10.04 7.42
N PHE A 75 3.07 -8.74 7.43
CA PHE A 75 3.99 -8.11 8.36
C PHE A 75 3.22 -7.01 9.04
N HIS A 76 3.66 -6.67 10.25
CA HIS A 76 2.98 -5.69 11.08
C HIS A 76 3.40 -4.27 10.69
N THR A 77 2.41 -3.38 10.57
CA THR A 77 2.66 -1.95 10.38
C THR A 77 1.89 -1.19 11.44
N GLY A 78 2.38 0.01 11.79
CA GLY A 78 1.77 0.80 12.82
C GLY A 78 2.03 0.19 14.19
N HIS A 79 1.22 0.59 15.17
CA HIS A 79 1.44 0.13 16.53
C HIS A 79 0.23 -0.63 17.09
N GLN A 80 -0.90 -0.54 16.40
CA GLN A 80 -2.09 -1.34 16.71
C GLN A 80 -1.94 -2.73 16.10
N ASP A 81 -2.99 -3.22 15.46
CA ASP A 81 -2.96 -4.57 14.94
C ASP A 81 -3.07 -4.65 13.41
N LYS A 82 -2.67 -3.59 12.72
CA LYS A 82 -2.71 -3.58 11.26
C LYS A 82 -1.57 -4.38 10.66
N VAL A 83 -1.87 -5.16 9.63
CA VAL A 83 -0.86 -5.91 8.89
C VAL A 83 -1.07 -5.64 7.40
N ARG A 84 -0.03 -5.91 6.62
CA ARG A 84 -0.13 -5.83 5.17
C ARG A 84 0.61 -7.02 4.64
N CYS A 85 0.12 -7.59 3.54
CA CYS A 85 0.88 -8.64 2.89
C CYS A 85 2.03 -8.03 2.12
N PHE A 86 3.19 -8.66 2.24
CA PHE A 86 4.41 -8.16 1.62
C PHE A 86 4.30 -8.20 0.11
N PHE A 87 3.44 -9.07 -0.40
CA PHE A 87 3.32 -9.22 -1.84
C PHE A 87 2.21 -8.38 -2.43
N CYS A 88 0.98 -8.64 -2.01
CA CYS A 88 -0.18 -7.95 -2.59
C CYS A 88 -0.51 -6.66 -1.86
N TYR A 89 0.13 -6.44 -0.71
CA TYR A 89 -0.12 -5.27 0.14
C TYR A 89 -1.54 -5.16 0.70
N GLY A 90 -2.25 -6.28 0.67
CA GLY A 90 -3.54 -6.34 1.34
C GLY A 90 -3.37 -5.96 2.79
N GLY A 91 -4.15 -4.98 3.25
CA GLY A 91 -4.09 -4.53 4.62
C GLY A 91 -5.26 -5.05 5.43
N LEU A 92 -4.94 -5.62 6.59
CA LEU A 92 -5.95 -6.16 7.48
C LEU A 92 -5.67 -5.78 8.93
N GLN A 93 -6.75 -5.56 9.68
CA GLN A 93 -6.69 -5.25 11.09
C GLN A 93 -7.85 -5.93 11.82
N SER A 94 -8.08 -5.54 13.08
CA SER A 94 -9.17 -6.09 13.91
C SER A 94 -9.16 -7.60 13.98
N TRP A 95 -7.97 -8.15 14.18
CA TRP A 95 -7.75 -9.59 14.31
C TRP A 95 -8.37 -10.15 15.58
N LYS A 96 -8.87 -11.38 15.49
CA LYS A 96 -9.61 -12.01 16.59
C LYS A 96 -9.30 -13.49 16.74
N ARG A 97 -9.41 -13.98 17.96
CA ARG A 97 -9.20 -15.40 18.27
C ARG A 97 -9.88 -16.26 17.23
N GLY A 98 -9.12 -17.17 16.63
CA GLY A 98 -9.67 -18.05 15.62
C GLY A 98 -9.44 -17.60 14.18
N ASP A 99 -9.39 -16.29 13.96
CA ASP A 99 -9.11 -15.73 12.63
C ASP A 99 -7.92 -16.43 12.01
N ASP A 100 -8.13 -17.02 10.85
CA ASP A 100 -7.05 -17.69 10.15
C ASP A 100 -6.46 -16.74 9.10
N PRO A 101 -5.20 -16.36 9.30
CA PRO A 101 -4.49 -15.44 8.40
C PRO A 101 -4.54 -15.89 6.95
N TRP A 102 -4.19 -17.15 6.68
CA TRP A 102 -4.24 -17.68 5.33
C TRP A 102 -5.63 -17.54 4.70
N THR A 103 -6.67 -17.73 5.52
CA THR A 103 -8.05 -17.69 5.06
C THR A 103 -8.46 -16.25 4.79
N GLU A 104 -8.18 -15.38 5.75
CA GLU A 104 -8.40 -13.94 5.58
C GLU A 104 -7.70 -13.43 4.32
N HIS A 105 -6.49 -13.93 4.09
CA HIS A 105 -5.72 -13.65 2.89
C HIS A 105 -6.50 -13.99 1.62
N ALA A 106 -7.06 -15.21 1.60
CA ALA A 106 -7.83 -15.70 0.45
C ALA A 106 -9.17 -14.97 0.32
N LYS A 107 -9.75 -14.62 1.45
CA LYS A 107 -11.02 -13.93 1.49
C LYS A 107 -10.91 -12.54 0.84
N TRP A 108 -9.85 -11.81 1.20
CA TRP A 108 -9.75 -10.41 0.82
C TRP A 108 -8.91 -10.14 -0.43
N PHE A 109 -7.88 -10.96 -0.64
CA PHE A 109 -6.90 -10.68 -1.67
C PHE A 109 -6.66 -11.93 -2.52
N PRO A 110 -7.72 -12.42 -3.17
CA PRO A 110 -7.67 -13.73 -3.81
C PRO A 110 -6.65 -13.81 -4.95
N SER A 111 -6.26 -12.67 -5.51
CA SER A 111 -5.34 -12.71 -6.64
C SER A 111 -3.86 -12.63 -6.22
N CYS A 112 -3.61 -12.49 -4.92
CA CYS A 112 -2.24 -12.40 -4.41
C CYS A 112 -1.43 -13.59 -4.87
N GLN A 113 -0.32 -13.32 -5.55
CA GLN A 113 0.48 -14.42 -6.08
C GLN A 113 1.22 -15.17 -4.98
N PHE A 114 1.50 -14.50 -3.85
CA PHE A 114 2.12 -15.18 -2.73
C PHE A 114 1.15 -16.19 -2.12
N LEU A 115 -0.08 -15.75 -1.91
CA LEU A 115 -1.12 -16.59 -1.37
C LEU A 115 -1.32 -17.81 -2.27
N LEU A 116 -1.30 -17.59 -3.58
CA LEU A 116 -1.59 -18.63 -4.56
C LEU A 116 -0.48 -19.66 -4.70
N ARG A 117 0.77 -19.22 -4.67
CA ARG A 117 1.91 -20.12 -4.70
C ARG A 117 1.99 -20.97 -3.43
N SER A 118 1.57 -20.39 -2.32
CA SER A 118 1.71 -21.01 -1.01
C SER A 118 0.56 -21.96 -0.68
N LYS A 119 -0.65 -21.59 -1.08
CA LYS A 119 -1.85 -22.34 -0.72
C LYS A 119 -2.55 -23.03 -1.89
N GLY A 120 -2.24 -22.59 -3.10
CA GLY A 120 -2.81 -23.18 -4.30
C GLY A 120 -4.14 -22.61 -4.73
N ARG A 121 -4.46 -22.82 -6.00
CA ARG A 121 -5.68 -22.34 -6.64
C ARG A 121 -6.94 -22.88 -5.97
N ASP A 122 -6.92 -24.14 -5.59
CA ASP A 122 -8.06 -24.80 -4.95
C ASP A 122 -8.47 -24.12 -3.64
N PHE A 123 -7.49 -23.90 -2.77
CA PHE A 123 -7.74 -23.27 -1.46
C PHE A 123 -8.43 -21.91 -1.57
N VAL A 124 -7.92 -21.07 -2.46
CA VAL A 124 -8.42 -19.70 -2.63
C VAL A 124 -9.86 -19.73 -3.13
N HIS A 125 -10.10 -20.52 -4.18
CA HIS A 125 -11.44 -20.72 -4.72
C HIS A 125 -12.39 -21.19 -3.63
N SER A 126 -11.90 -22.10 -2.78
CA SER A 126 -12.66 -22.65 -1.67
C SER A 126 -13.09 -21.59 -0.64
N VAL A 127 -12.24 -20.58 -0.45
CA VAL A 127 -12.56 -19.49 0.47
C VAL A 127 -13.47 -18.47 -0.20
N GLN A 128 -13.23 -18.19 -1.49
CA GLN A 128 -14.05 -17.23 -2.25
C GLN A 128 -15.50 -17.72 -2.44
N GLU A 129 -15.66 -19.02 -2.68
CA GLU A 129 -16.97 -19.63 -2.91
C GLU A 129 -17.82 -19.78 -1.64
N THR A 130 -17.28 -19.34 -0.50
CA THR A 130 -18.06 -19.34 0.75
C THR A 130 -18.23 -17.93 1.32
N ALA B 32 40.08 -2.02 1.42
CA ALA B 32 38.60 -2.01 1.30
C ALA B 32 37.99 -3.39 1.48
N GLY B 33 36.79 -3.44 2.08
CA GLY B 33 36.07 -4.69 2.28
C GLY B 33 34.66 -4.71 1.70
N ALA B 34 33.68 -4.49 2.56
CA ALA B 34 32.26 -4.60 2.21
C ALA B 34 31.89 -3.62 1.12
N THR B 35 30.79 -3.90 0.44
CA THR B 35 30.36 -3.05 -0.66
C THR B 35 28.94 -2.61 -0.37
N LEU B 36 28.66 -1.36 -0.70
CA LEU B 36 27.31 -0.83 -0.73
C LEU B 36 26.42 -1.70 -1.61
N SER B 37 25.29 -2.15 -1.06
CA SER B 37 24.26 -2.79 -1.86
C SER B 37 23.63 -1.80 -2.84
N ARG B 38 23.19 -2.29 -3.98
CA ARG B 38 22.71 -1.45 -5.08
C ARG B 38 21.20 -1.18 -5.06
N GLY B 39 20.46 -1.98 -4.30
CA GLY B 39 19.01 -1.87 -4.24
C GLY B 39 18.56 -0.65 -3.45
N PRO B 40 17.67 0.17 -4.02
CA PRO B 40 17.07 1.28 -3.28
C PRO B 40 16.27 0.71 -2.11
N ALA B 41 16.21 1.44 -1.01
CA ALA B 41 15.42 1.05 0.14
C ALA B 41 13.95 0.86 -0.26
N PHE B 42 13.45 1.76 -1.10
CA PHE B 42 12.05 1.77 -1.50
C PHE B 42 11.99 2.01 -3.01
N PRO B 43 12.19 0.95 -3.80
CA PRO B 43 12.29 1.06 -5.25
C PRO B 43 11.05 1.72 -5.85
N GLY B 44 9.88 1.44 -5.28
CA GLY B 44 8.66 2.09 -5.71
C GLY B 44 8.70 3.62 -5.68
N MET B 45 9.45 4.19 -4.75
CA MET B 45 9.52 5.64 -4.66
C MET B 45 10.67 6.19 -5.52
N GLY B 46 11.17 5.36 -6.44
CA GLY B 46 12.23 5.71 -7.36
C GLY B 46 11.83 6.73 -8.43
N SER B 47 10.55 6.94 -8.57
CA SER B 47 10.03 7.93 -9.52
C SER B 47 9.77 9.24 -8.80
N GLU B 48 10.28 10.33 -9.36
CA GLU B 48 10.11 11.66 -8.79
C GLU B 48 8.65 12.05 -8.60
N GLU B 49 7.80 11.80 -9.61
CA GLU B 49 6.40 12.17 -9.51
C GLU B 49 5.69 11.43 -8.39
N LEU B 50 6.11 10.18 -8.16
CA LEU B 50 5.50 9.41 -7.07
C LEU B 50 5.94 10.02 -5.76
N ARG B 51 7.21 10.39 -5.67
CA ARG B 51 7.72 11.03 -4.47
C ARG B 51 6.98 12.34 -4.24
N LEU B 52 6.80 13.10 -5.32
CA LEU B 52 6.07 14.37 -5.26
C LEU B 52 4.66 14.19 -4.74
N ALA B 53 3.98 13.14 -5.19
CA ALA B 53 2.60 12.88 -4.79
C ALA B 53 2.51 12.66 -3.29
N SER B 54 3.58 12.16 -2.69
CA SER B 54 3.61 11.89 -1.26
C SER B 54 3.56 13.16 -0.42
N PHE B 55 3.85 14.28 -1.06
CA PHE B 55 3.82 15.58 -0.38
C PHE B 55 2.45 16.27 -0.46
N TYR B 56 1.43 15.55 -0.91
CA TYR B 56 0.08 16.11 -1.00
C TYR B 56 -0.35 16.75 0.33
N ASP B 57 0.08 16.18 1.45
CA ASP B 57 -0.26 16.71 2.76
C ASP B 57 0.96 17.32 3.46
N TRP B 58 1.92 17.81 2.67
CA TRP B 58 3.12 18.43 3.23
C TRP B 58 2.70 19.70 3.97
N PRO B 59 3.06 19.83 5.25
CA PRO B 59 2.67 20.98 6.07
C PRO B 59 3.09 22.34 5.49
N LEU B 60 2.15 23.29 5.49
CA LEU B 60 2.42 24.67 5.11
C LEU B 60 3.57 25.26 5.94
N THR B 61 3.60 24.88 7.22
CA THR B 61 4.59 25.35 8.19
C THR B 61 6.03 24.89 7.88
N ALA B 62 6.14 23.80 7.13
CA ALA B 62 7.43 23.37 6.60
C ALA B 62 7.71 24.18 5.34
N GLU B 63 8.67 25.09 5.43
CA GLU B 63 8.89 26.08 4.36
C GLU B 63 9.92 25.63 3.34
N VAL B 64 9.86 24.34 3.01
CA VAL B 64 10.70 23.76 1.97
C VAL B 64 9.74 23.16 0.94
N PRO B 65 9.84 23.60 -0.31
CA PRO B 65 8.91 23.12 -1.36
C PRO B 65 9.07 21.61 -1.64
N PRO B 66 7.97 20.87 -1.65
CA PRO B 66 7.96 19.44 -1.96
C PRO B 66 8.74 19.10 -3.21
N GLU B 67 8.66 19.97 -4.22
CA GLU B 67 9.36 19.80 -5.49
C GLU B 67 10.85 19.58 -5.26
N LEU B 68 11.46 20.40 -4.42
CA LEU B 68 12.91 20.27 -4.18
C LEU B 68 13.21 18.99 -3.40
N LEU B 69 12.37 18.70 -2.42
CA LEU B 69 12.54 17.50 -1.62
C LEU B 69 12.42 16.26 -2.49
N ALA B 70 11.39 16.22 -3.32
CA ALA B 70 11.16 15.07 -4.21
C ALA B 70 12.28 14.91 -5.21
N ALA B 71 12.77 16.03 -5.75
CA ALA B 71 13.91 16.00 -6.69
C ALA B 71 15.14 15.46 -5.99
N ALA B 72 15.27 15.77 -4.70
CA ALA B 72 16.41 15.32 -3.93
C ALA B 72 16.26 13.88 -3.41
N GLY B 73 15.22 13.18 -3.87
CA GLY B 73 15.08 11.76 -3.59
C GLY B 73 14.16 11.46 -2.44
N PHE B 74 13.58 12.51 -1.84
CA PHE B 74 12.85 12.33 -0.60
C PHE B 74 11.37 12.22 -0.86
N PHE B 75 10.71 11.37 -0.07
CA PHE B 75 9.26 11.30 -0.10
C PHE B 75 8.77 11.46 1.31
N HIS B 76 7.56 11.96 1.44
CA HIS B 76 7.00 12.27 2.74
C HIS B 76 6.53 10.99 3.44
N THR B 77 6.89 10.84 4.71
CA THR B 77 6.29 9.80 5.56
C THR B 77 5.61 10.50 6.73
N GLY B 78 4.51 9.92 7.22
CA GLY B 78 3.79 10.48 8.35
C GLY B 78 2.97 11.70 7.98
N HIS B 79 2.59 12.49 8.99
CA HIS B 79 1.73 13.65 8.76
C HIS B 79 2.34 14.93 9.30
N GLN B 80 3.62 14.85 9.67
CA GLN B 80 4.39 16.04 10.00
C GLN B 80 5.31 16.33 8.82
N ASP B 81 6.57 16.66 9.11
CA ASP B 81 7.49 17.05 8.05
C ASP B 81 8.64 16.06 7.87
N LYS B 82 8.36 14.80 8.16
CA LYS B 82 9.37 13.75 8.04
C LYS B 82 9.48 13.31 6.60
N VAL B 83 10.71 13.13 6.14
CA VAL B 83 10.94 12.59 4.82
C VAL B 83 11.95 11.48 4.90
N ARG B 84 11.92 10.62 3.89
CA ARG B 84 12.91 9.59 3.72
C ARG B 84 13.39 9.63 2.30
N CYS B 85 14.67 9.34 2.09
CA CYS B 85 15.15 9.12 0.73
C CYS B 85 14.72 7.75 0.26
N PHE B 86 14.19 7.66 -0.96
CA PHE B 86 13.76 6.36 -1.48
C PHE B 86 14.94 5.42 -1.60
N PHE B 87 16.13 5.97 -1.83
CA PHE B 87 17.29 5.11 -2.04
C PHE B 87 17.99 4.71 -0.76
N CYS B 88 18.50 5.68 0.01
CA CYS B 88 19.30 5.34 1.17
C CYS B 88 18.43 5.22 2.41
N TYR B 89 17.16 5.61 2.29
CA TYR B 89 16.24 5.62 3.41
C TYR B 89 16.66 6.57 4.53
N GLY B 90 17.52 7.54 4.20
CA GLY B 90 17.89 8.58 5.14
C GLY B 90 16.65 9.36 5.55
N GLY B 91 16.49 9.55 6.85
CA GLY B 91 15.31 10.21 7.37
C GLY B 91 15.63 11.57 7.94
N LEU B 92 14.88 12.56 7.51
CA LEU B 92 15.11 13.93 7.93
C LEU B 92 13.79 14.63 8.21
N GLN B 93 13.82 15.54 9.17
CA GLN B 93 12.63 16.28 9.53
C GLN B 93 13.10 17.63 10.07
N SER B 94 12.17 18.40 10.63
CA SER B 94 12.44 19.75 11.15
C SER B 94 12.99 20.65 10.05
N TRP B 95 12.39 20.52 8.87
CA TRP B 95 12.74 21.35 7.74
C TRP B 95 12.37 22.82 7.98
N LYS B 96 13.33 23.69 7.70
CA LYS B 96 13.17 25.12 7.93
C LYS B 96 13.49 25.86 6.65
N ARG B 97 12.89 27.04 6.49
CA ARG B 97 13.14 27.88 5.33
C ARG B 97 14.64 27.97 5.01
N GLY B 98 14.96 27.81 3.73
CA GLY B 98 16.33 27.89 3.26
C GLY B 98 17.14 26.61 3.35
N ASP B 99 16.64 25.60 4.08
CA ASP B 99 17.27 24.28 4.09
C ASP B 99 17.21 23.73 2.67
N ASP B 100 18.36 23.34 2.14
CA ASP B 100 18.43 22.83 0.79
C ASP B 100 18.46 21.29 0.81
N PRO B 101 17.40 20.66 0.32
CA PRO B 101 17.29 19.19 0.36
C PRO B 101 18.53 18.44 -0.12
N TRP B 102 19.12 18.82 -1.25
CA TRP B 102 20.33 18.15 -1.75
C TRP B 102 21.48 18.33 -0.79
N THR B 103 21.64 19.54 -0.25
CA THR B 103 22.73 19.78 0.69
C THR B 103 22.57 18.89 1.94
N GLU B 104 21.36 18.84 2.46
CA GLU B 104 21.05 18.01 3.62
C GLU B 104 21.28 16.56 3.31
N HIS B 105 20.90 16.14 2.11
CA HIS B 105 21.12 14.77 1.66
C HIS B 105 22.61 14.45 1.73
N ALA B 106 23.44 15.33 1.18
CA ALA B 106 24.89 15.10 1.13
C ALA B 106 25.51 15.18 2.52
N LYS B 107 24.96 16.06 3.34
CA LYS B 107 25.46 16.24 4.69
C LYS B 107 25.23 15.00 5.56
N TRP B 108 24.03 14.47 5.49
CA TRP B 108 23.66 13.37 6.37
C TRP B 108 23.91 12.00 5.77
N PHE B 109 23.74 11.87 4.46
CA PHE B 109 23.79 10.55 3.82
C PHE B 109 24.74 10.51 2.63
N PRO B 110 26.03 10.74 2.89
CA PRO B 110 26.98 10.97 1.79
C PRO B 110 27.19 9.75 0.89
N SER B 111 26.90 8.55 1.36
CA SER B 111 27.13 7.38 0.52
C SER B 111 25.89 6.99 -0.32
N CYS B 112 24.80 7.73 -0.19
CA CYS B 112 23.59 7.43 -0.95
C CYS B 112 23.89 7.45 -2.44
N GLN B 113 23.64 6.33 -3.10
CA GLN B 113 23.99 6.21 -4.52
C GLN B 113 23.13 7.12 -5.40
N PHE B 114 21.90 7.36 -4.98
CA PHE B 114 21.02 8.23 -5.75
C PHE B 114 21.54 9.66 -5.66
N LEU B 115 21.93 10.05 -4.46
CA LEU B 115 22.54 11.34 -4.25
C LEU B 115 23.80 11.44 -5.10
N LEU B 116 24.66 10.43 -5.02
CA LEU B 116 25.94 10.46 -5.72
C LEU B 116 25.74 10.49 -7.25
N ARG B 117 24.77 9.72 -7.73
CA ARG B 117 24.46 9.69 -9.14
C ARG B 117 23.94 11.04 -9.59
N SER B 118 23.13 11.67 -8.72
CA SER B 118 22.44 12.89 -9.12
C SER B 118 23.33 14.11 -9.02
N LYS B 119 24.13 14.16 -7.95
CA LYS B 119 24.86 15.39 -7.61
C LYS B 119 26.36 15.25 -7.84
N GLY B 120 26.85 14.02 -7.91
CA GLY B 120 28.26 13.75 -8.14
C GLY B 120 29.05 13.68 -6.85
N ARG B 121 30.20 13.00 -6.91
CA ARG B 121 31.09 12.88 -5.75
C ARG B 121 31.59 14.24 -5.24
N ASP B 122 31.90 15.15 -6.16
CA ASP B 122 32.45 16.45 -5.78
C ASP B 122 31.50 17.21 -4.88
N PHE B 123 30.24 17.26 -5.26
CA PHE B 123 29.23 17.92 -4.48
C PHE B 123 29.18 17.36 -3.06
N VAL B 124 29.14 16.04 -2.98
CA VAL B 124 28.98 15.37 -1.70
C VAL B 124 30.23 15.63 -0.86
N HIS B 125 31.38 15.44 -1.48
CA HIS B 125 32.64 15.72 -0.81
C HIS B 125 32.70 17.18 -0.32
N SER B 126 32.29 18.11 -1.16
CA SER B 126 32.29 19.52 -0.81
C SER B 126 31.36 19.82 0.37
N VAL B 127 30.16 19.25 0.33
CA VAL B 127 29.23 19.42 1.42
C VAL B 127 29.78 18.82 2.71
N GLN B 128 30.40 17.64 2.63
CA GLN B 128 31.01 17.02 3.81
C GLN B 128 32.09 17.92 4.45
N GLU B 129 32.95 18.52 3.62
CA GLU B 129 34.00 19.42 4.13
C GLU B 129 33.46 20.71 4.73
N THR B 130 32.37 21.24 4.21
CA THR B 130 31.86 22.52 4.68
C THR B 130 30.81 22.40 5.77
N HIS B 131 30.23 21.21 5.91
CA HIS B 131 29.16 20.98 6.87
C HIS B 131 29.56 19.89 7.84
N SER B 132 30.70 20.11 8.52
CA SER B 132 31.26 19.24 9.57
C SER B 132 32.74 18.96 9.32
N ALA C 32 21.48 23.19 12.67
CA ALA C 32 21.39 24.31 11.69
C ALA C 32 20.15 24.15 10.80
N GLY C 33 20.12 23.09 10.01
CA GLY C 33 19.01 22.81 9.12
C GLY C 33 18.13 21.68 9.59
N ALA C 34 17.79 20.79 8.66
CA ALA C 34 16.97 19.63 8.96
C ALA C 34 17.69 18.75 9.97
N THR C 35 16.93 17.90 10.66
CA THR C 35 17.55 16.99 11.62
C THR C 35 17.24 15.55 11.27
N LEU C 36 18.12 14.65 11.67
CA LEU C 36 17.92 13.22 11.54
C LEU C 36 16.67 12.77 12.30
N SER C 37 15.83 12.00 11.63
CA SER C 37 14.70 11.38 12.29
C SER C 37 15.21 10.32 13.25
N ARG C 38 14.45 10.08 14.30
CA ARG C 38 14.86 9.22 15.41
C ARG C 38 14.42 7.78 15.26
N GLY C 39 13.42 7.55 14.41
CA GLY C 39 12.93 6.20 14.23
C GLY C 39 13.91 5.28 13.52
N PRO C 40 14.11 4.07 14.05
CA PRO C 40 14.86 3.04 13.31
C PRO C 40 14.11 2.68 12.04
N ALA C 41 14.83 2.36 10.97
CA ALA C 41 14.20 1.91 9.75
C ALA C 41 13.39 0.65 10.02
N PHE C 42 13.97 -0.28 10.78
CA PHE C 42 13.37 -1.59 11.04
C PHE C 42 13.38 -1.84 12.54
N PRO C 43 12.41 -1.26 13.24
CA PRO C 43 12.38 -1.28 14.71
C PRO C 43 12.40 -2.71 15.25
N GLY C 44 11.66 -3.61 14.61
CA GLY C 44 11.67 -5.01 15.00
C GLY C 44 13.08 -5.56 15.14
N MET C 45 13.99 -5.08 14.29
CA MET C 45 15.36 -5.60 14.30
C MET C 45 16.27 -4.83 15.26
N GLY C 46 15.68 -4.05 16.14
CA GLY C 46 16.41 -3.38 17.21
C GLY C 46 17.03 -4.37 18.18
N SER C 47 16.39 -5.53 18.33
CA SER C 47 16.93 -6.60 19.16
C SER C 47 18.08 -7.30 18.44
N GLU C 48 19.25 -7.28 19.07
CA GLU C 48 20.43 -7.97 18.56
C GLU C 48 20.16 -9.46 18.38
N GLU C 49 19.41 -10.01 19.32
CA GLU C 49 18.99 -11.41 19.29
C GLU C 49 18.26 -11.73 17.99
N LEU C 50 17.27 -10.90 17.65
CA LEU C 50 16.54 -11.07 16.38
C LEU C 50 17.44 -10.87 15.16
N ARG C 51 18.40 -9.94 15.24
CA ARG C 51 19.33 -9.73 14.14
C ARG C 51 20.24 -10.93 13.95
N LEU C 52 20.73 -11.49 15.06
CA LEU C 52 21.56 -12.69 15.04
C LEU C 52 20.80 -13.86 14.43
N ALA C 53 19.58 -14.09 14.90
CA ALA C 53 18.71 -15.14 14.34
C ALA C 53 18.56 -15.02 12.82
N SER C 54 18.57 -13.78 12.31
CA SER C 54 18.38 -13.54 10.88
C SER C 54 19.49 -14.16 10.06
N PHE C 55 20.59 -14.50 10.73
CA PHE C 55 21.74 -15.10 10.04
C PHE C 55 21.73 -16.64 10.02
N TYR C 56 20.60 -17.25 10.35
CA TYR C 56 20.45 -18.72 10.29
C TYR C 56 20.94 -19.32 8.96
N ASP C 57 20.62 -18.64 7.85
CA ASP C 57 20.97 -19.09 6.51
C ASP C 57 22.14 -18.28 5.92
N TRP C 58 22.93 -17.65 6.79
CA TRP C 58 24.10 -16.87 6.37
C TRP C 58 25.05 -17.77 5.59
N PRO C 59 25.44 -17.33 4.38
CA PRO C 59 26.30 -18.14 3.50
C PRO C 59 27.57 -18.60 4.18
N LEU C 60 28.00 -19.81 3.84
CA LEU C 60 29.25 -20.36 4.34
C LEU C 60 30.42 -20.01 3.40
N THR C 61 30.09 -19.23 2.37
CA THR C 61 31.08 -18.54 1.54
C THR C 61 31.32 -17.12 2.08
N ALA C 62 30.59 -16.75 3.13
CA ALA C 62 30.73 -15.44 3.78
C ALA C 62 31.71 -15.50 4.95
N GLU C 63 32.76 -14.70 4.87
CA GLU C 63 33.91 -14.80 5.77
C GLU C 63 33.85 -13.92 7.02
N VAL C 64 32.70 -13.26 7.23
CA VAL C 64 32.48 -12.44 8.43
C VAL C 64 31.41 -13.08 9.30
N PRO C 65 31.74 -13.33 10.57
CA PRO C 65 30.82 -14.01 11.48
C PRO C 65 29.54 -13.22 11.76
N PRO C 66 28.39 -13.91 11.76
CA PRO C 66 27.09 -13.27 12.02
C PRO C 66 27.07 -12.42 13.28
N GLU C 67 27.66 -12.91 14.36
CA GLU C 67 27.67 -12.22 15.66
C GLU C 67 28.27 -10.81 15.57
N LEU C 68 29.30 -10.67 14.74
CA LEU C 68 29.94 -9.40 14.48
C LEU C 68 28.99 -8.48 13.75
N LEU C 69 28.29 -9.05 12.77
CA LEU C 69 27.41 -8.26 11.94
C LEU C 69 26.22 -7.78 12.75
N ALA C 70 25.61 -8.69 13.51
CA ALA C 70 24.45 -8.35 14.32
C ALA C 70 24.77 -7.39 15.45
N ALA C 71 25.97 -7.51 16.02
CA ALA C 71 26.36 -6.57 17.08
C ALA C 71 26.44 -5.16 16.48
N ALA C 72 26.91 -5.08 15.25
CA ALA C 72 27.11 -3.82 14.57
C ALA C 72 25.82 -3.29 13.95
N GLY C 73 24.70 -3.96 14.26
CA GLY C 73 23.39 -3.47 13.87
C GLY C 73 22.80 -4.09 12.62
N PHE C 74 23.55 -5.00 12.01
CA PHE C 74 23.13 -5.54 10.73
C PHE C 74 22.29 -6.79 10.91
N PHE C 75 21.30 -6.93 10.04
CA PHE C 75 20.54 -8.16 9.92
C PHE C 75 20.69 -8.67 8.48
N HIS C 76 20.55 -9.97 8.30
CA HIS C 76 20.64 -10.59 6.98
C HIS C 76 19.34 -10.33 6.24
N THR C 77 19.41 -9.94 4.96
CA THR C 77 18.18 -9.72 4.20
C THR C 77 17.58 -11.05 3.72
N GLY C 78 18.45 -12.05 3.57
CA GLY C 78 18.06 -13.37 3.10
C GLY C 78 18.80 -13.74 1.83
N HIS C 79 19.16 -12.71 1.06
CA HIS C 79 19.80 -12.90 -0.25
C HIS C 79 21.32 -12.77 -0.14
N GLN C 80 22.01 -13.87 -0.46
CA GLN C 80 23.48 -13.92 -0.46
C GLN C 80 24.01 -13.41 0.87
N ASP C 81 24.98 -12.51 0.83
CA ASP C 81 25.54 -11.97 2.08
C ASP C 81 25.12 -10.51 2.31
N LYS C 82 23.93 -10.16 1.83
CA LYS C 82 23.44 -8.81 1.95
C LYS C 82 22.91 -8.56 3.34
N VAL C 83 23.36 -7.46 3.93
CA VAL C 83 22.84 -7.07 5.25
C VAL C 83 22.31 -5.64 5.19
N ARG C 84 21.43 -5.32 6.11
CA ARG C 84 20.99 -3.96 6.30
C ARG C 84 21.05 -3.66 7.78
N CYS C 85 21.29 -2.40 8.08
CA CYS C 85 21.25 -1.95 9.45
C CYS C 85 19.80 -1.73 9.85
N PHE C 86 19.43 -2.22 11.03
CA PHE C 86 18.06 -2.07 11.49
C PHE C 86 17.72 -0.60 11.66
N PHE C 87 18.73 0.22 11.91
CA PHE C 87 18.45 1.63 12.18
C PHE C 87 18.45 2.54 10.95
N CYS C 88 19.61 2.63 10.30
CA CYS C 88 19.78 3.52 9.16
C CYS C 88 19.44 2.80 7.85
N TYR C 89 19.24 1.48 7.92
CA TYR C 89 18.88 0.68 6.75
C TYR C 89 20.00 0.61 5.71
N GLY C 90 21.20 1.02 6.11
CA GLY C 90 22.36 0.91 5.27
C GLY C 90 22.60 -0.53 4.84
N GLY C 91 22.81 -0.74 3.55
CA GLY C 91 22.95 -2.08 3.02
C GLY C 91 24.36 -2.37 2.55
N LEU C 92 24.87 -3.51 2.97
CA LEU C 92 26.22 -3.91 2.61
C LEU C 92 26.25 -5.36 2.24
N GLN C 93 27.17 -5.70 1.36
CA GLN C 93 27.35 -7.07 0.92
C GLN C 93 28.80 -7.25 0.54
N SER C 94 29.15 -8.43 0.04
CA SER C 94 30.51 -8.78 -0.39
C SER C 94 31.48 -8.65 0.78
N TRP C 95 31.04 -9.17 1.92
CA TRP C 95 31.85 -9.21 3.13
C TRP C 95 33.03 -10.16 2.91
N LYS C 96 34.21 -9.70 3.30
CA LYS C 96 35.42 -10.50 3.19
C LYS C 96 36.06 -10.64 4.56
N ARG C 97 36.86 -11.70 4.73
CA ARG C 97 37.67 -11.90 5.93
C ARG C 97 38.40 -10.61 6.26
N GLY C 98 38.34 -10.20 7.53
CA GLY C 98 39.01 -9.00 7.97
C GLY C 98 38.17 -7.73 7.94
N ASP C 99 36.97 -7.82 7.38
CA ASP C 99 36.03 -6.70 7.42
C ASP C 99 35.54 -6.49 8.84
N ASP C 100 35.58 -5.25 9.29
CA ASP C 100 35.01 -4.92 10.58
C ASP C 100 33.67 -4.24 10.37
N PRO C 101 32.57 -4.93 10.70
CA PRO C 101 31.23 -4.38 10.52
C PRO C 101 30.98 -3.02 11.19
N TRP C 102 31.62 -2.74 12.32
CA TRP C 102 31.50 -1.41 12.93
C TRP C 102 32.18 -0.36 12.07
N THR C 103 33.38 -0.70 11.61
CA THR C 103 34.16 0.19 10.76
C THR C 103 33.46 0.42 9.45
N GLU C 104 32.92 -0.66 8.88
CA GLU C 104 32.18 -0.59 7.62
C GLU C 104 30.93 0.26 7.82
N HIS C 105 30.27 0.07 8.95
CA HIS C 105 29.10 0.86 9.31
C HIS C 105 29.45 2.35 9.34
N ALA C 106 30.59 2.68 9.93
CA ALA C 106 31.02 4.08 10.01
C ALA C 106 31.49 4.65 8.69
N LYS C 107 32.05 3.78 7.86
CA LYS C 107 32.56 4.18 6.57
C LYS C 107 31.42 4.62 5.65
N TRP C 108 30.32 3.87 5.69
CA TRP C 108 29.26 4.05 4.70
C TRP C 108 28.06 4.81 5.22
N PHE C 109 27.82 4.71 6.52
CA PHE C 109 26.63 5.30 7.12
C PHE C 109 26.98 6.11 8.37
N PRO C 110 27.80 7.14 8.19
CA PRO C 110 28.36 7.90 9.32
C PRO C 110 27.32 8.54 10.22
N SER C 111 26.14 8.82 9.70
CA SER C 111 25.15 9.50 10.51
C SER C 111 24.14 8.54 11.15
N CYS C 112 24.36 7.26 10.99
CA CYS C 112 23.50 6.26 11.62
C CYS C 112 23.52 6.48 13.13
N GLN C 113 22.35 6.70 13.71
CA GLN C 113 22.29 7.05 15.12
C GLN C 113 22.53 5.86 16.04
N PHE C 114 22.26 4.66 15.54
CA PHE C 114 22.61 3.46 16.30
C PHE C 114 24.11 3.35 16.37
N LEU C 115 24.75 3.51 15.21
CA LEU C 115 26.19 3.49 15.11
C LEU C 115 26.79 4.55 16.04
N LEU C 116 26.28 5.77 15.95
CA LEU C 116 26.83 6.88 16.74
C LEU C 116 26.61 6.69 18.25
N ARG C 117 25.44 6.21 18.63
CA ARG C 117 25.14 5.95 20.04
C ARG C 117 26.09 4.90 20.59
N SER C 118 26.33 3.85 19.82
CA SER C 118 27.18 2.75 20.23
C SER C 118 28.64 3.16 20.26
N LYS C 119 29.10 3.76 19.18
CA LYS C 119 30.54 3.90 18.96
C LYS C 119 31.06 5.32 19.09
N GLY C 120 30.15 6.28 19.02
CA GLY C 120 30.51 7.68 19.20
C GLY C 120 30.94 8.37 17.92
N ARG C 121 30.96 9.70 18.01
CA ARG C 121 31.28 10.60 16.92
C ARG C 121 32.74 10.51 16.51
N ASP C 122 33.63 10.46 17.50
CA ASP C 122 35.06 10.44 17.24
C ASP C 122 35.44 9.23 16.41
N PHE C 123 34.87 8.09 16.76
CA PHE C 123 35.18 6.87 16.03
C PHE C 123 34.70 6.99 14.58
N VAL C 124 33.50 7.52 14.39
CA VAL C 124 32.95 7.67 13.04
C VAL C 124 33.78 8.66 12.23
N HIS C 125 34.11 9.78 12.87
CA HIS C 125 34.95 10.79 12.26
C HIS C 125 36.31 10.20 11.88
N SER C 126 36.94 9.45 12.79
CA SER C 126 38.21 8.81 12.49
C SER C 126 38.10 7.90 11.24
N VAL C 127 37.08 7.05 11.22
CA VAL C 127 36.86 6.15 10.10
C VAL C 127 36.58 6.93 8.82
N GLN C 128 35.76 7.97 8.92
CA GLN C 128 35.43 8.80 7.76
C GLN C 128 36.70 9.41 7.15
N GLU C 129 37.62 9.84 8.00
CA GLU C 129 38.81 10.53 7.50
C GLU C 129 39.86 9.59 6.88
N THR C 130 40.01 8.39 7.42
CA THR C 130 41.03 7.46 6.92
C THR C 130 40.51 6.52 5.83
N HIS C 131 39.21 6.60 5.55
CA HIS C 131 38.59 5.83 4.48
C HIS C 131 37.78 6.75 3.56
N SER C 132 38.47 7.75 3.02
CA SER C 132 37.90 8.68 2.03
C SER C 132 38.98 9.59 1.45
N ALA D 32 -13.57 -15.65 11.26
CA ALA D 32 -14.12 -14.50 10.47
C ALA D 32 -14.39 -13.28 11.36
N GLY D 33 -13.61 -12.23 11.14
CA GLY D 33 -13.71 -11.01 11.93
C GLY D 33 -12.68 -9.94 11.61
N ALA D 34 -11.59 -10.35 10.96
CA ALA D 34 -10.55 -9.39 10.55
C ALA D 34 -11.10 -8.49 9.47
N THR D 35 -10.92 -7.19 9.65
CA THR D 35 -11.47 -6.21 8.73
C THR D 35 -10.39 -5.69 7.78
N LEU D 36 -10.83 -5.24 6.62
CA LEU D 36 -10.01 -4.56 5.64
C LEU D 36 -9.58 -3.21 6.19
N SER D 37 -8.28 -2.91 6.10
CA SER D 37 -7.80 -1.58 6.48
C SER D 37 -8.32 -0.53 5.51
N ARG D 38 -8.67 0.64 6.05
CA ARG D 38 -9.32 1.68 5.27
C ARG D 38 -8.35 2.69 4.67
N GLY D 39 -7.07 2.55 5.00
CA GLY D 39 -6.06 3.48 4.50
C GLY D 39 -5.63 3.14 3.08
N PRO D 40 -5.66 4.12 2.18
CA PRO D 40 -5.11 3.89 0.83
C PRO D 40 -3.63 3.56 0.98
N ALA D 41 -3.13 2.63 0.16
CA ALA D 41 -1.72 2.29 0.14
C ALA D 41 -0.85 3.52 -0.14
N PHE D 42 -1.35 4.40 -1.03
CA PHE D 42 -0.59 5.53 -1.52
C PHE D 42 -1.53 6.73 -1.51
N PRO D 43 -1.71 7.34 -0.34
CA PRO D 43 -2.66 8.42 -0.16
C PRO D 43 -2.47 9.57 -1.16
N GLY D 44 -1.23 9.91 -1.50
CA GLY D 44 -0.98 11.06 -2.36
C GLY D 44 -1.50 10.85 -3.76
N MET D 45 -1.58 9.58 -4.16
CA MET D 45 -2.10 9.23 -5.47
C MET D 45 -3.64 9.11 -5.48
N GLY D 46 -4.28 9.58 -4.41
CA GLY D 46 -5.73 9.68 -4.36
C GLY D 46 -6.21 10.75 -5.31
N SER D 47 -5.30 11.66 -5.67
CA SER D 47 -5.58 12.66 -6.68
C SER D 47 -5.47 12.04 -8.06
N GLU D 48 -6.57 12.07 -8.81
CA GLU D 48 -6.55 11.64 -10.21
C GLU D 48 -5.55 12.46 -11.01
N GLU D 49 -5.50 13.76 -10.73
CA GLU D 49 -4.56 14.66 -11.38
C GLU D 49 -3.13 14.16 -11.24
N LEU D 50 -2.77 13.77 -10.03
CA LEU D 50 -1.43 13.27 -9.75
C LEU D 50 -1.21 11.90 -10.38
N ARG D 51 -2.22 11.05 -10.36
CA ARG D 51 -2.13 9.75 -11.03
C ARG D 51 -1.87 9.93 -12.51
N LEU D 52 -2.62 10.82 -13.16
CA LEU D 52 -2.46 11.08 -14.58
C LEU D 52 -1.06 11.59 -14.90
N ALA D 53 -0.59 12.53 -14.09
CA ALA D 53 0.75 13.10 -14.24
C ALA D 53 1.82 12.03 -14.19
N SER D 54 1.57 10.97 -13.41
CA SER D 54 2.53 9.87 -13.32
C SER D 54 2.74 9.17 -14.65
N PHE D 55 1.85 9.36 -15.61
CA PHE D 55 1.93 8.64 -16.88
C PHE D 55 2.70 9.39 -17.98
N TYR D 56 3.42 10.46 -17.60
CA TYR D 56 4.14 11.28 -18.57
C TYR D 56 5.05 10.42 -19.44
N ASP D 57 5.60 9.38 -18.83
CA ASP D 57 6.55 8.47 -19.46
C ASP D 57 5.91 7.16 -19.85
N TRP D 58 4.59 7.16 -20.06
CA TRP D 58 3.87 5.97 -20.51
C TRP D 58 4.51 5.51 -21.83
N PRO D 59 4.70 4.21 -22.01
CA PRO D 59 5.35 3.71 -23.23
C PRO D 59 4.57 4.06 -24.47
N LEU D 60 5.28 4.40 -25.54
CA LEU D 60 4.65 4.69 -26.81
C LEU D 60 4.09 3.43 -27.45
N THR D 61 4.51 2.27 -26.96
CA THR D 61 3.98 1.01 -27.44
C THR D 61 2.68 0.62 -26.73
N ALA D 62 2.37 1.33 -25.66
CA ALA D 62 1.26 0.95 -24.77
C ALA D 62 -0.09 1.00 -25.49
N GLU D 63 -1.08 0.31 -24.95
CA GLU D 63 -2.29 0.08 -25.71
C GLU D 63 -3.54 0.59 -24.99
N VAL D 64 -3.36 1.03 -23.75
CA VAL D 64 -4.43 1.58 -22.95
C VAL D 64 -3.97 2.95 -22.48
N PRO D 65 -4.84 3.94 -22.64
CA PRO D 65 -4.47 5.34 -22.36
C PRO D 65 -4.37 5.67 -20.89
N PRO D 66 -3.40 6.50 -20.54
CA PRO D 66 -3.25 7.03 -19.19
C PRO D 66 -4.53 7.55 -18.58
N GLU D 67 -5.31 8.29 -19.36
CA GLU D 67 -6.45 8.96 -18.79
C GLU D 67 -7.42 7.95 -18.20
N LEU D 68 -7.62 6.84 -18.92
CA LEU D 68 -8.52 5.78 -18.49
C LEU D 68 -7.93 5.05 -17.29
N LEU D 69 -6.63 4.81 -17.33
CA LEU D 69 -5.98 4.12 -16.24
C LEU D 69 -6.07 4.91 -14.95
N ALA D 70 -5.77 6.19 -15.05
CA ALA D 70 -5.75 7.08 -13.88
C ALA D 70 -7.13 7.26 -13.30
N ALA D 71 -8.13 7.31 -14.17
CA ALA D 71 -9.53 7.41 -13.75
C ALA D 71 -9.89 6.18 -12.92
N ALA D 72 -9.35 5.02 -13.28
CA ALA D 72 -9.65 3.78 -12.56
C ALA D 72 -8.76 3.56 -11.33
N GLY D 73 -8.00 4.58 -10.92
CA GLY D 73 -7.25 4.53 -9.68
C GLY D 73 -5.77 4.17 -9.85
N PHE D 74 -5.34 3.95 -11.08
CA PHE D 74 -3.98 3.49 -11.33
C PHE D 74 -3.02 4.65 -11.55
N PHE D 75 -1.82 4.51 -11.00
CA PHE D 75 -0.74 5.40 -11.36
C PHE D 75 0.35 4.55 -12.00
N HIS D 76 1.18 5.19 -12.82
CA HIS D 76 2.29 4.54 -13.48
C HIS D 76 3.48 4.41 -12.53
N THR D 77 4.10 3.24 -12.50
CA THR D 77 5.28 3.05 -11.65
C THR D 77 6.53 3.67 -12.28
N GLY D 78 6.47 3.88 -13.60
CA GLY D 78 7.58 4.44 -14.36
C GLY D 78 8.35 3.32 -15.05
N HIS D 79 7.80 2.12 -14.98
CA HIS D 79 8.45 0.95 -15.56
C HIS D 79 7.48 0.29 -16.51
N GLN D 80 7.82 0.33 -17.80
CA GLN D 80 7.00 -0.26 -18.85
C GLN D 80 5.55 0.21 -18.71
N ASP D 81 4.58 -0.67 -18.86
CA ASP D 81 3.22 -0.20 -18.74
C ASP D 81 2.63 -0.66 -17.41
N LYS D 82 3.49 -0.78 -16.41
CA LYS D 82 3.08 -1.22 -15.08
C LYS D 82 2.36 -0.12 -14.34
N VAL D 83 1.24 -0.48 -13.74
CA VAL D 83 0.49 0.46 -12.93
C VAL D 83 0.15 -0.15 -11.57
N ARG D 84 -0.10 0.70 -10.61
CA ARG D 84 -0.60 0.26 -9.33
C ARG D 84 -1.75 1.16 -8.96
N CYS D 85 -2.74 0.59 -8.28
CA CYS D 85 -3.85 1.37 -7.81
C CYS D 85 -3.36 2.10 -6.59
N PHE D 86 -3.72 3.37 -6.44
CA PHE D 86 -3.31 4.13 -5.24
C PHE D 86 -3.89 3.53 -3.98
N PHE D 87 -5.09 2.94 -4.09
CA PHE D 87 -5.76 2.39 -2.92
C PHE D 87 -5.32 1.01 -2.50
N CYS D 88 -5.56 0.01 -3.35
CA CYS D 88 -5.24 -1.36 -3.00
C CYS D 88 -3.82 -1.75 -3.36
N TYR D 89 -3.15 -0.86 -4.12
CA TYR D 89 -1.78 -1.14 -4.59
C TYR D 89 -1.71 -2.32 -5.55
N GLY D 90 -2.86 -2.74 -6.06
CA GLY D 90 -2.90 -3.77 -7.07
C GLY D 90 -2.12 -3.36 -8.31
N GLY D 91 -1.21 -4.24 -8.73
CA GLY D 91 -0.32 -3.97 -9.82
C GLY D 91 -0.71 -4.74 -11.07
N LEU D 92 -0.87 -4.01 -12.16
CA LEU D 92 -1.22 -4.60 -13.45
C LEU D 92 -0.28 -4.10 -14.51
N GLN D 93 -0.06 -4.93 -15.54
CA GLN D 93 0.78 -4.58 -16.66
C GLN D 93 0.32 -5.34 -17.90
N SER D 94 1.05 -5.14 -19.00
CA SER D 94 0.79 -5.80 -20.27
C SER D 94 -0.65 -5.52 -20.70
N TRP D 95 -0.99 -4.23 -20.72
CA TRP D 95 -2.34 -3.79 -21.05
C TRP D 95 -2.57 -3.97 -22.53
N LYS D 96 -3.72 -4.53 -22.89
CA LYS D 96 -4.03 -4.80 -24.29
C LYS D 96 -5.15 -3.88 -24.75
N ARG D 97 -5.16 -3.62 -26.05
CA ARG D 97 -6.14 -2.76 -26.67
C ARG D 97 -7.54 -3.22 -26.26
N GLY D 98 -8.36 -2.26 -25.82
CA GLY D 98 -9.71 -2.58 -25.38
C GLY D 98 -9.83 -3.02 -23.93
N ASP D 99 -8.69 -3.28 -23.25
CA ASP D 99 -8.75 -3.58 -21.82
C ASP D 99 -9.38 -2.41 -21.13
N ASP D 100 -10.34 -2.70 -20.27
CA ASP D 100 -11.01 -1.67 -19.52
C ASP D 100 -10.42 -1.64 -18.09
N PRO D 101 -9.74 -0.56 -17.74
CA PRO D 101 -9.09 -0.46 -16.43
C PRO D 101 -10.02 -0.76 -15.25
N TRP D 102 -11.24 -0.23 -15.25
CA TRP D 102 -12.20 -0.55 -14.19
C TRP D 102 -12.47 -2.05 -14.05
N THR D 103 -12.68 -2.72 -15.18
CA THR D 103 -12.97 -4.15 -15.24
C THR D 103 -11.79 -4.96 -14.76
N GLU D 104 -10.60 -4.58 -15.21
CA GLU D 104 -9.37 -5.24 -14.77
C GLU D 104 -9.19 -5.05 -13.27
N HIS D 105 -9.46 -3.83 -12.81
CA HIS D 105 -9.38 -3.51 -11.39
C HIS D 105 -10.31 -4.45 -10.61
N ALA D 106 -11.51 -4.68 -11.13
CA ALA D 106 -12.49 -5.52 -10.46
C ALA D 106 -12.12 -7.00 -10.54
N LYS D 107 -11.60 -7.41 -11.69
CA LYS D 107 -11.16 -8.78 -11.90
C LYS D 107 -10.08 -9.21 -10.92
N TRP D 108 -9.15 -8.30 -10.65
CA TRP D 108 -7.95 -8.66 -9.90
C TRP D 108 -7.97 -8.25 -8.45
N PHE D 109 -8.62 -7.14 -8.14
CA PHE D 109 -8.58 -6.59 -6.78
C PHE D 109 -9.98 -6.28 -6.30
N PRO D 110 -10.83 -7.31 -6.20
CA PRO D 110 -12.24 -7.10 -5.91
C PRO D 110 -12.52 -6.40 -4.57
N SER D 111 -11.60 -6.49 -3.61
CA SER D 111 -11.85 -5.88 -2.30
C SER D 111 -11.38 -4.42 -2.20
N CYS D 112 -10.82 -3.90 -3.29
CA CYS D 112 -10.37 -2.51 -3.31
C CYS D 112 -11.50 -1.56 -3.01
N GLN D 113 -11.33 -0.76 -1.96
CA GLN D 113 -12.39 0.11 -1.48
C GLN D 113 -12.61 1.29 -2.39
N PHE D 114 -11.56 1.69 -3.10
CA PHE D 114 -11.72 2.78 -4.06
C PHE D 114 -12.55 2.28 -5.24
N LEU D 115 -12.20 1.09 -5.73
CA LEU D 115 -12.98 0.43 -6.75
C LEU D 115 -14.43 0.31 -6.28
N LEU D 116 -14.63 -0.26 -5.09
CA LEU D 116 -15.98 -0.46 -4.54
C LEU D 116 -16.78 0.81 -4.39
N ARG D 117 -16.18 1.86 -3.82
CA ARG D 117 -16.84 3.16 -3.67
C ARG D 117 -17.24 3.73 -5.03
N SER D 118 -16.35 3.59 -6.02
CA SER D 118 -16.58 4.22 -7.32
C SER D 118 -17.57 3.42 -8.14
N LYS D 119 -17.35 2.11 -8.22
CA LYS D 119 -18.07 1.27 -9.18
C LYS D 119 -19.16 0.41 -8.56
N GLY D 120 -19.12 0.25 -7.23
CA GLY D 120 -20.13 -0.52 -6.51
C GLY D 120 -19.83 -1.99 -6.42
N ARG D 121 -20.41 -2.65 -5.41
CA ARG D 121 -20.28 -4.09 -5.22
C ARG D 121 -20.88 -4.88 -6.39
N ASP D 122 -21.97 -4.36 -6.95
CA ASP D 122 -22.61 -5.07 -8.04
C ASP D 122 -21.69 -5.25 -9.24
N PHE D 123 -21.03 -4.15 -9.63
CA PHE D 123 -20.11 -4.18 -10.77
C PHE D 123 -19.02 -5.20 -10.53
N VAL D 124 -18.42 -5.16 -9.35
CA VAL D 124 -17.31 -6.04 -9.02
C VAL D 124 -17.74 -7.51 -8.99
N HIS D 125 -18.89 -7.75 -8.37
CA HIS D 125 -19.48 -9.09 -8.30
C HIS D 125 -19.74 -9.61 -9.70
N SER D 126 -20.29 -8.77 -10.57
CA SER D 126 -20.59 -9.18 -11.93
C SER D 126 -19.31 -9.52 -12.72
N VAL D 127 -18.26 -8.73 -12.51
CA VAL D 127 -16.96 -8.99 -13.14
C VAL D 127 -16.34 -10.27 -12.59
N GLN D 128 -16.47 -10.49 -11.27
CA GLN D 128 -15.91 -11.67 -10.62
C GLN D 128 -16.55 -12.96 -11.10
N GLU D 129 -17.82 -12.88 -11.50
CA GLU D 129 -18.56 -14.05 -11.93
C GLU D 129 -18.30 -14.43 -13.38
N THR D 130 -17.98 -13.44 -14.21
CA THR D 130 -17.47 -13.71 -15.55
C THR D 130 -15.98 -14.05 -15.44
N HIS D 131 -15.71 -15.13 -14.70
CA HIS D 131 -14.36 -15.57 -14.28
C HIS D 131 -13.19 -14.81 -14.91
N GLY E 39 -26.09 2.98 10.13
CA GLY E 39 -26.63 1.69 9.61
C GLY E 39 -27.97 1.88 8.94
N PRO E 40 -28.61 0.76 8.59
CA PRO E 40 -29.91 0.79 7.89
C PRO E 40 -30.99 1.44 8.74
N ALA E 41 -31.92 2.11 8.10
CA ALA E 41 -33.12 2.62 8.77
C ALA E 41 -33.92 1.47 9.35
N PHE E 42 -33.89 0.33 8.67
CA PHE E 42 -34.74 -0.80 9.03
C PHE E 42 -33.89 -2.05 8.86
N PRO E 43 -33.05 -2.33 9.85
CA PRO E 43 -32.15 -3.48 9.79
C PRO E 43 -32.85 -4.79 9.53
N GLY E 44 -34.08 -4.93 10.01
CA GLY E 44 -34.81 -6.18 9.86
C GLY E 44 -35.11 -6.54 8.41
N MET E 45 -34.98 -5.60 7.48
CA MET E 45 -35.17 -5.92 6.08
C MET E 45 -33.85 -5.92 5.31
N GLY E 46 -32.76 -6.12 6.05
CA GLY E 46 -31.44 -6.17 5.44
C GLY E 46 -31.21 -7.41 4.58
N SER E 47 -32.02 -8.45 4.81
CA SER E 47 -31.90 -9.68 4.03
C SER E 47 -32.64 -9.54 2.70
N GLU E 48 -31.90 -9.68 1.60
CA GLU E 48 -32.50 -9.64 0.27
C GLU E 48 -33.59 -10.69 0.09
N GLU E 49 -33.34 -11.88 0.61
CA GLU E 49 -34.28 -12.99 0.58
C GLU E 49 -35.60 -12.57 1.21
N LEU E 50 -35.51 -11.99 2.40
CA LEU E 50 -36.69 -11.51 3.11
C LEU E 50 -37.37 -10.38 2.32
N ARG E 51 -36.60 -9.49 1.73
CA ARG E 51 -37.20 -8.43 0.93
C ARG E 51 -37.94 -9.02 -0.27
N LEU E 52 -37.37 -10.07 -0.87
CA LEU E 52 -38.02 -10.73 -2.00
C LEU E 52 -39.32 -11.38 -1.53
N ALA E 53 -39.27 -12.03 -0.37
CA ALA E 53 -40.42 -12.71 0.20
C ALA E 53 -41.57 -11.74 0.38
N SER E 54 -41.24 -10.48 0.67
CA SER E 54 -42.25 -9.46 0.91
C SER E 54 -43.10 -9.20 -0.32
N PHE E 55 -42.63 -9.65 -1.48
CA PHE E 55 -43.33 -9.38 -2.73
C PHE E 55 -44.32 -10.48 -3.10
N TYR E 56 -44.64 -11.36 -2.14
CA TYR E 56 -45.54 -12.47 -2.41
C TYR E 56 -46.93 -12.04 -2.97
N ASP E 57 -47.37 -10.82 -2.66
CA ASP E 57 -48.60 -10.25 -3.19
C ASP E 57 -48.34 -8.98 -4.03
N TRP E 58 -47.15 -8.89 -4.62
CA TRP E 58 -46.84 -7.83 -5.57
C TRP E 58 -47.84 -7.90 -6.72
N PRO E 59 -48.49 -6.76 -7.01
CA PRO E 59 -49.50 -6.73 -8.09
C PRO E 59 -48.85 -6.99 -9.45
N LEU E 60 -49.49 -7.86 -10.21
CA LEU E 60 -49.03 -8.19 -11.56
C LEU E 60 -49.02 -6.97 -12.47
N THR E 61 -49.90 -6.02 -12.20
CA THR E 61 -49.99 -4.80 -13.01
C THR E 61 -48.75 -3.91 -12.91
N ALA E 62 -47.96 -4.09 -11.86
CA ALA E 62 -46.77 -3.26 -11.64
C ALA E 62 -45.74 -3.42 -12.74
N GLU E 63 -45.53 -4.66 -13.14
CA GLU E 63 -44.66 -5.02 -14.27
C GLU E 63 -43.18 -4.68 -14.05
N VAL E 64 -42.77 -4.63 -12.78
CA VAL E 64 -41.38 -4.50 -12.42
C VAL E 64 -41.07 -5.74 -11.59
N PRO E 65 -40.03 -6.46 -11.97
CA PRO E 65 -39.64 -7.70 -11.30
C PRO E 65 -39.31 -7.45 -9.82
N PRO E 66 -39.99 -8.16 -8.94
CA PRO E 66 -39.66 -8.21 -7.52
C PRO E 66 -38.18 -8.50 -7.25
N GLU E 67 -37.61 -9.45 -7.98
CA GLU E 67 -36.23 -9.82 -7.79
C GLU E 67 -35.32 -8.60 -7.94
N LEU E 68 -35.62 -7.75 -8.92
CA LEU E 68 -34.87 -6.52 -9.14
C LEU E 68 -35.13 -5.51 -8.03
N LEU E 69 -36.39 -5.41 -7.61
CA LEU E 69 -36.75 -4.48 -6.55
C LEU E 69 -36.06 -4.85 -5.24
N ALA E 70 -36.08 -6.14 -4.91
CA ALA E 70 -35.48 -6.61 -3.66
C ALA E 70 -33.96 -6.46 -3.67
N ALA E 71 -33.34 -6.81 -4.79
CA ALA E 71 -31.90 -6.58 -4.97
C ALA E 71 -31.52 -5.11 -4.80
N ALA E 72 -32.40 -4.21 -5.24
CA ALA E 72 -32.16 -2.76 -5.15
C ALA E 72 -32.50 -2.17 -3.78
N GLY E 73 -32.77 -3.04 -2.81
CA GLY E 73 -32.94 -2.62 -1.43
C GLY E 73 -34.39 -2.50 -1.01
N PHE E 74 -35.29 -2.75 -1.95
CA PHE E 74 -36.71 -2.47 -1.70
C PHE E 74 -37.48 -3.66 -1.20
N PHE E 75 -38.35 -3.43 -0.23
CA PHE E 75 -39.34 -4.42 0.12
C PHE E 75 -40.73 -3.87 -0.13
N HIS E 76 -41.69 -4.77 -0.28
CA HIS E 76 -43.06 -4.39 -0.55
C HIS E 76 -43.74 -3.99 0.76
N THR E 77 -44.38 -2.82 0.79
CA THR E 77 -45.12 -2.41 2.00
C THR E 77 -46.39 -3.24 2.19
N GLY E 78 -46.90 -3.80 1.09
CA GLY E 78 -48.14 -4.55 1.11
C GLY E 78 -49.27 -3.74 0.54
N HIS E 79 -49.15 -2.41 0.63
CA HIS E 79 -50.15 -1.52 0.06
C HIS E 79 -49.81 -1.16 -1.38
N GLN E 80 -50.71 -1.52 -2.30
CA GLN E 80 -50.57 -1.23 -3.72
C GLN E 80 -49.23 -1.73 -4.24
N ASP E 81 -48.50 -0.86 -4.94
CA ASP E 81 -47.18 -1.20 -5.43
C ASP E 81 -46.11 -0.36 -4.73
N LYS E 82 -46.41 0.03 -3.49
CA LYS E 82 -45.49 0.83 -2.70
C LYS E 82 -44.38 -0.06 -2.15
N VAL E 83 -43.15 0.34 -2.43
CA VAL E 83 -42.00 -0.34 -1.87
C VAL E 83 -41.19 0.64 -1.06
N ARG E 84 -40.29 0.09 -0.26
CA ARG E 84 -39.48 0.94 0.59
C ARG E 84 -38.10 0.32 0.72
N CYS E 85 -37.08 1.17 0.65
CA CYS E 85 -35.74 0.72 0.83
C CYS E 85 -35.48 0.47 2.30
N PHE E 86 -34.93 -0.69 2.63
CA PHE E 86 -34.60 -1.02 4.01
C PHE E 86 -33.55 -0.08 4.60
N PHE E 87 -32.69 0.46 3.74
CA PHE E 87 -31.56 1.23 4.24
C PHE E 87 -31.92 2.69 4.46
N CYS E 88 -32.44 3.35 3.43
CA CYS E 88 -32.74 4.76 3.52
C CYS E 88 -34.20 5.02 3.86
N TYR E 89 -35.01 3.96 3.84
CA TYR E 89 -36.45 4.04 4.14
C TYR E 89 -37.22 4.87 3.11
N GLY E 90 -36.57 5.15 1.97
CA GLY E 90 -37.25 5.81 0.86
C GLY E 90 -38.36 4.94 0.25
N GLY E 91 -39.52 5.53 0.09
CA GLY E 91 -40.69 4.86 -0.45
C GLY E 91 -40.88 5.25 -1.90
N LEU E 92 -41.23 4.26 -2.72
CA LEU E 92 -41.53 4.47 -4.13
C LEU E 92 -42.74 3.64 -4.53
N GLN E 93 -43.55 4.21 -5.41
CA GLN E 93 -44.79 3.59 -5.85
C GLN E 93 -45.02 3.99 -7.30
N SER E 94 -46.12 3.52 -7.88
CA SER E 94 -46.47 3.79 -9.29
C SER E 94 -45.39 3.28 -10.24
N TRP E 95 -45.04 2.02 -10.05
CA TRP E 95 -44.04 1.38 -10.87
C TRP E 95 -44.62 1.06 -12.23
N LYS E 96 -43.83 1.28 -13.27
CA LYS E 96 -44.25 1.03 -14.64
C LYS E 96 -43.22 0.12 -15.28
N ARG E 97 -43.68 -0.70 -16.22
CA ARG E 97 -42.79 -1.55 -17.01
C ARG E 97 -41.59 -0.75 -17.50
N GLY E 98 -40.40 -1.27 -17.29
CA GLY E 98 -39.21 -0.59 -17.72
C GLY E 98 -38.53 0.25 -16.64
N ASP E 99 -39.24 0.53 -15.55
CA ASP E 99 -38.60 1.21 -14.42
C ASP E 99 -37.47 0.33 -13.92
N ASP E 100 -36.29 0.93 -13.77
CA ASP E 100 -35.18 0.21 -13.20
C ASP E 100 -35.07 0.59 -11.73
N PRO E 101 -35.32 -0.36 -10.83
CA PRO E 101 -35.26 -0.11 -9.39
C PRO E 101 -34.00 0.63 -8.92
N TRP E 102 -32.82 0.19 -9.35
CA TRP E 102 -31.59 0.88 -8.94
C TRP E 102 -31.58 2.32 -9.41
N THR E 103 -31.97 2.52 -10.66
CA THR E 103 -32.00 3.86 -11.26
C THR E 103 -32.99 4.76 -10.52
N GLU E 104 -34.18 4.23 -10.26
CA GLU E 104 -35.19 4.93 -9.47
C GLU E 104 -34.65 5.23 -8.08
N HIS E 105 -33.99 4.24 -7.50
CA HIS E 105 -33.36 4.40 -6.19
C HIS E 105 -32.38 5.58 -6.24
N ALA E 106 -31.59 5.64 -7.30
CA ALA E 106 -30.59 6.70 -7.49
C ALA E 106 -31.23 8.06 -7.78
N LYS E 107 -32.32 8.06 -8.55
CA LYS E 107 -33.04 9.30 -8.86
C LYS E 107 -33.53 9.94 -7.58
N TRP E 108 -34.16 9.13 -6.74
CA TRP E 108 -34.98 9.64 -5.64
C TRP E 108 -34.25 9.71 -4.31
N PHE E 109 -33.37 8.74 -4.07
CA PHE E 109 -32.65 8.69 -2.79
C PHE E 109 -31.15 8.50 -3.01
N PRO E 110 -30.51 9.45 -3.71
CA PRO E 110 -29.12 9.29 -4.14
C PRO E 110 -28.12 9.14 -2.99
N SER E 111 -28.48 9.60 -1.79
CA SER E 111 -27.58 9.52 -0.66
C SER E 111 -27.71 8.22 0.13
N CYS E 112 -28.58 7.32 -0.32
CA CYS E 112 -28.75 6.03 0.34
C CYS E 112 -27.44 5.27 0.24
N GLN E 113 -26.91 4.88 1.39
CA GLN E 113 -25.59 4.27 1.43
C GLN E 113 -25.64 2.85 0.91
N PHE E 114 -26.77 2.19 1.06
CA PHE E 114 -26.88 0.86 0.50
C PHE E 114 -26.79 0.96 -1.02
N LEU E 115 -27.50 1.92 -1.58
CA LEU E 115 -27.41 2.19 -3.01
C LEU E 115 -25.97 2.56 -3.41
N LEU E 116 -25.34 3.41 -2.61
CA LEU E 116 -23.99 3.86 -2.95
C LEU E 116 -22.99 2.71 -2.90
N ARG E 117 -23.11 1.86 -1.89
CA ARG E 117 -22.23 0.71 -1.78
C ARG E 117 -22.50 -0.27 -2.90
N SER E 118 -23.77 -0.44 -3.26
CA SER E 118 -24.13 -1.48 -4.21
C SER E 118 -23.83 -1.06 -5.62
N LYS E 119 -24.10 0.20 -5.93
CA LYS E 119 -24.03 0.66 -7.32
C LYS E 119 -22.86 1.59 -7.58
N GLY E 120 -22.24 2.11 -6.51
CA GLY E 120 -21.12 3.02 -6.64
C GLY E 120 -21.53 4.47 -6.88
N ARG E 121 -20.63 5.37 -6.49
CA ARG E 121 -20.79 6.81 -6.70
C ARG E 121 -21.07 7.18 -8.15
N ASP E 122 -20.38 6.55 -9.10
CA ASP E 122 -20.46 6.98 -10.50
C ASP E 122 -21.86 6.78 -11.05
N PHE E 123 -22.42 5.59 -10.81
CA PHE E 123 -23.80 5.28 -11.18
C PHE E 123 -24.75 6.34 -10.64
N VAL E 124 -24.63 6.64 -9.35
CA VAL E 124 -25.54 7.56 -8.70
C VAL E 124 -25.36 8.97 -9.26
N HIS E 125 -24.10 9.41 -9.35
CA HIS E 125 -23.78 10.69 -9.98
C HIS E 125 -24.40 10.77 -11.37
N SER E 126 -24.19 9.71 -12.16
CA SER E 126 -24.67 9.65 -13.52
C SER E 126 -26.20 9.79 -13.60
N VAL E 127 -26.92 9.07 -12.74
CA VAL E 127 -28.38 9.15 -12.71
C VAL E 127 -28.80 10.53 -12.22
N GLN E 128 -28.11 11.07 -11.22
CA GLN E 128 -28.42 12.40 -10.69
C GLN E 128 -28.21 13.51 -11.72
N GLU E 129 -27.38 13.23 -12.72
CA GLU E 129 -27.06 14.20 -13.78
C GLU E 129 -28.21 14.41 -14.75
N THR E 130 -28.73 13.31 -15.31
CA THR E 130 -29.86 13.37 -16.24
C THR E 130 -31.17 13.65 -15.50
N HIS E 131 -31.05 14.37 -14.38
CA HIS E 131 -32.15 14.82 -13.53
C HIS E 131 -32.95 13.72 -12.82
N SER E 132 -33.39 14.01 -11.60
CA SER E 132 -34.06 13.06 -10.72
C SER E 132 -35.56 12.93 -11.00
N ALA F 1 -41.34 5.13 -11.52
CA ALA F 1 -41.67 5.24 -10.08
C ALA F 1 -41.71 6.69 -9.65
N GLU F 2 -42.48 6.96 -8.59
CA GLU F 2 -42.49 8.29 -7.98
C GLU F 2 -42.46 8.18 -6.45
N ALA F 3 -41.86 9.19 -5.81
CA ALA F 3 -41.78 9.25 -4.35
C ALA F 3 -43.17 9.39 -3.75
N VAL F 4 -43.34 8.92 -2.52
CA VAL F 4 -44.62 9.06 -1.83
C VAL F 4 -44.65 10.39 -1.05
ZN ZN G . -1.00 -11.12 -0.44
ZN ZN H . 19.57 9.03 -0.22
ZN ZN I . 23.16 1.98 10.71
ZN ZN J . -7.53 -0.69 -6.20
O22 P33 K . 5.39 0.93 -7.54
C21 P33 K . 4.95 2.24 -7.17
C20 P33 K . 5.37 2.58 -5.75
O19 P33 K . 4.42 3.38 -5.05
C18 P33 K . 4.68 3.46 -3.63
C17 P33 K . 3.43 3.88 -2.85
O16 P33 K . 3.47 3.66 -1.43
C15 P33 K . 2.90 2.42 -1.01
C14 P33 K . 3.92 1.29 -1.20
O13 P33 K . 3.74 0.21 -0.29
C12 P33 K . 4.67 0.27 0.79
C11 P33 K . 5.82 -0.72 0.68
O10 P33 K . 6.65 -0.53 1.82
C9 P33 K . 8.02 -0.30 1.44
C8 P33 K . 8.80 0.53 2.47
O7 P33 K . 10.19 0.21 2.38
C6 P33 K . 11.00 1.05 3.20
C5 P33 K . 12.08 0.24 3.89
O4 P33 K . 11.71 0.16 5.27
C3 P33 K . 12.56 -0.61 6.09
C2 P33 K . 12.12 -2.07 6.14
O1 P33 K . 11.51 -2.38 7.38
ZN ZN L . -32.20 3.28 -0.10
#